data_2VMV
#
_entry.id   2VMV
#
_cell.length_a   60.985
_cell.length_b   106.615
_cell.length_c   56.886
_cell.angle_alpha   90.00
_cell.angle_beta   90.00
_cell.angle_gamma   90.00
#
_symmetry.space_group_name_H-M   'P 21 21 2'
#
loop_
_entity.id
_entity.type
_entity.pdbx_description
1 polymer 'SERINE HYDROXYMETHYLTRANSFERASE'
2 non-polymer "PYRIDOXAL-5'-PHOSPHATE"
3 non-polymer (4S)-2-METHYL-2,4-PENTANEDIOL
4 water water
#
_entity_poly.entity_id   1
_entity_poly.type   'polypeptide(L)'
_entity_poly.pdbx_seq_one_letter_code
;MKYLPQQDPQVFAAIEQERKRQHAKIELIASENFVSRAVMEAQGSVLTNKYAEGYPGRRYYGGCEYVDIVEELARERAKQ
LFGAEHANVQPHSGAQANMAVYFTVLEHGDTVLGMNLSHGGHLTHGSPVNFSGVQYNFVAYGVDPETHVIDYDDVREKAR
LHRPKLIVAAASAYPRIIDFAKFREIADEVGAYLMVDMAHIAGLVAAGLHPNPVPYAHFVTTTTHKTLRGPRGGMILCQE
QFAKQIDKAIFPGIQGGPLMHVIAAKAVAFGEALQDDFKAYAKRVVDNAKRLASALQNEGFTLVSGGTDNHLLLVDLRPQ
QLTGKTAEKVLDEVGITVNKNTIPYDPESPGVTSGIRIGTAAVTTRGFGLEEMDEIAAIIGLVLKNVGSEQALEEARQRV
AALTD
;
_entity_poly.pdbx_strand_id   A
#
loop_
_chem_comp.id
_chem_comp.type
_chem_comp.name
_chem_comp.formula
MPD non-polymer (4S)-2-METHYL-2,4-PENTANEDIOL 'C6 H14 O2'
PLP non-polymer PYRIDOXAL-5'-PHOSPHATE 'C8 H10 N O6 P'
#
# COMPACT_ATOMS: atom_id res chain seq x y z
N MET A 1 1.54 10.16 26.94
CA MET A 1 1.57 8.89 27.73
C MET A 1 1.81 9.18 29.21
N LYS A 2 1.21 8.37 30.07
CA LYS A 2 1.35 8.56 31.51
C LYS A 2 2.00 7.37 32.22
N TYR A 3 1.59 6.17 31.86
CA TYR A 3 1.97 4.97 32.60
C TYR A 3 3.22 4.27 32.05
N LEU A 4 3.37 4.27 30.73
CA LEU A 4 4.54 3.68 30.09
C LEU A 4 5.89 4.28 30.51
N PRO A 5 6.00 5.63 30.61
CA PRO A 5 7.27 6.23 31.05
C PRO A 5 7.77 5.71 32.40
N GLN A 6 6.85 5.46 33.32
CA GLN A 6 7.20 4.95 34.65
C GLN A 6 7.41 3.44 34.68
N GLN A 7 6.56 2.71 33.96
CA GLN A 7 6.61 1.25 33.95
C GLN A 7 7.81 0.70 33.15
N ASP A 8 8.08 1.32 32.01
CA ASP A 8 9.08 0.79 31.10
C ASP A 8 9.90 1.91 30.46
N PRO A 9 10.89 2.46 31.19
CA PRO A 9 11.71 3.53 30.64
C PRO A 9 12.40 3.16 29.32
N GLN A 10 12.86 1.91 29.19
CA GLN A 10 13.53 1.45 27.96
C GLN A 10 12.64 1.54 26.73
N VAL A 11 11.46 0.90 26.81
CA VAL A 11 10.49 0.96 25.71
C VAL A 11 10.05 2.40 25.42
N PHE A 12 9.73 3.16 26.47
CA PHE A 12 9.35 4.56 26.29
C PHE A 12 10.42 5.39 25.59
N ALA A 13 11.68 5.24 26.02
CA ALA A 13 12.78 6.00 25.40
C ALA A 13 12.87 5.72 23.89
N ALA A 14 12.70 4.45 23.52
CA ALA A 14 12.75 4.02 22.12
C ALA A 14 11.58 4.56 21.29
N ILE A 15 10.37 4.49 21.86
CA ILE A 15 9.18 5.08 21.24
C ILE A 15 9.35 6.59 21.02
N GLU A 16 9.88 7.27 22.02
CA GLU A 16 10.11 8.71 21.92
C GLU A 16 11.12 9.07 20.84
N GLN A 17 12.17 8.27 20.70
CA GLN A 17 13.12 8.43 19.60
C GLN A 17 12.41 8.29 18.27
N GLU A 18 11.56 7.26 18.15
CA GLU A 18 10.84 7.00 16.92
C GLU A 18 9.88 8.14 16.56
N ARG A 19 9.18 8.65 17.58
CA ARG A 19 8.26 9.77 17.41
C ARG A 19 9.00 10.99 16.87
N LYS A 20 10.16 11.28 17.48
CA LYS A 20 10.98 12.42 17.07
C LYS A 20 11.58 12.22 15.67
N ARG A 21 11.97 10.97 15.37
CA ARG A 21 12.44 10.59 14.04
C ARG A 21 11.37 10.85 12.98
N GLN A 22 10.13 10.47 13.28
CA GLN A 22 9.02 10.65 12.34
C GLN A 22 8.82 12.13 11.97
N HIS A 23 9.08 13.01 12.92
CA HIS A 23 8.96 14.46 12.68
C HIS A 23 10.15 15.04 11.90
N ALA A 24 11.35 14.56 12.22
CA ALA A 24 12.59 15.15 11.69
C ALA A 24 12.88 14.80 10.24
N LYS A 25 12.46 13.60 9.82
CA LYS A 25 12.83 13.08 8.51
C LYS A 25 11.77 13.43 7.46
N ILE A 26 12.18 13.43 6.20
CA ILE A 26 11.23 13.56 5.10
C ILE A 26 10.90 12.15 4.61
N GLU A 27 9.69 11.70 4.94
CA GLU A 27 9.26 10.35 4.65
C GLU A 27 8.70 10.26 3.24
N LEU A 28 9.46 9.63 2.35
CA LEU A 28 9.03 9.44 0.97
C LEU A 28 8.78 7.98 0.61
N ILE A 29 8.89 7.07 1.58
CA ILE A 29 8.54 5.68 1.31
C ILE A 29 7.04 5.63 1.00
N ALA A 30 6.70 5.08 -0.17
CA ALA A 30 5.35 5.19 -0.74
C ALA A 30 4.25 4.50 0.07
N SER A 31 4.63 3.52 0.89
CA SER A 31 3.68 2.78 1.72
C SER A 31 3.37 3.47 3.04
N GLU A 32 4.13 4.52 3.36
CA GLU A 32 4.06 5.14 4.68
C GLU A 32 3.02 6.26 4.78
N ASN A 33 2.52 6.46 5.99
CA ASN A 33 1.62 7.57 6.29
C ASN A 33 1.65 7.86 7.79
N PHE A 34 0.92 8.87 8.23
CA PHE A 34 0.80 9.17 9.65
C PHE A 34 -0.68 9.20 10.05
N VAL A 35 -1.05 8.29 10.93
CA VAL A 35 -2.44 8.19 11.38
C VAL A 35 -2.79 9.27 12.39
N SER A 36 -4.09 9.51 12.55
CA SER A 36 -4.59 10.52 13.48
C SER A 36 -4.44 10.07 14.92
N ARG A 37 -4.51 11.02 15.84
CA ARG A 37 -4.52 10.72 17.26
C ARG A 37 -5.73 9.86 17.65
N ALA A 38 -6.88 10.12 17.03
CA ALA A 38 -8.09 9.33 17.26
C ALA A 38 -7.90 7.85 16.90
N VAL A 39 -7.26 7.60 15.75
CA VAL A 39 -6.96 6.23 15.32
C VAL A 39 -6.07 5.52 16.35
N MET A 40 -5.03 6.20 16.81
CA MET A 40 -4.12 5.64 17.82
C MET A 40 -4.82 5.36 19.15
N GLU A 41 -5.65 6.30 19.59
CA GLU A 41 -6.43 6.12 20.83
C GLU A 41 -7.30 4.87 20.78
N ALA A 42 -7.97 4.66 19.63
CA ALA A 42 -8.78 3.47 19.42
C ALA A 42 -7.96 2.19 19.57
N GLN A 43 -6.76 2.15 18.98
CA GLN A 43 -5.86 0.98 19.10
C GLN A 43 -5.32 0.78 20.49
N GLY A 44 -5.24 1.87 21.25
CA GLY A 44 -4.71 1.81 22.61
C GLY A 44 -5.81 1.61 23.63
N SER A 45 -6.97 1.10 23.19
CA SER A 45 -8.13 0.93 24.06
C SER A 45 -8.21 -0.45 24.73
N VAL A 46 -9.16 -0.59 25.63
CA VAL A 46 -9.39 -1.85 26.34
C VAL A 46 -9.96 -2.97 25.45
N LEU A 47 -10.28 -2.65 24.19
CA LEU A 47 -10.80 -3.68 23.29
C LEU A 47 -9.81 -4.82 23.02
N THR A 48 -8.53 -4.60 23.29
CA THR A 48 -7.53 -5.68 23.20
C THR A 48 -7.88 -6.84 24.16
N ASN A 49 -8.62 -6.54 25.22
CA ASN A 49 -8.98 -7.55 26.22
C ASN A 49 -10.07 -8.55 25.79
N LYS A 50 -10.75 -8.29 24.69
CA LYS A 50 -11.93 -9.08 24.32
C LYS A 50 -11.67 -10.11 23.22
N TYR A 51 -11.90 -11.39 23.53
CA TYR A 51 -12.01 -12.44 22.50
C TYR A 51 -13.37 -12.35 21.80
N ALA A 52 -13.33 -12.29 20.47
CA ALA A 52 -14.56 -12.16 19.71
C ALA A 52 -14.51 -12.95 18.40
N GLU A 53 -14.04 -14.20 18.49
CA GLU A 53 -14.05 -15.10 17.33
C GLU A 53 -15.47 -15.20 16.79
N GLY A 54 -15.57 -15.22 15.47
CA GLY A 54 -16.87 -15.22 14.81
C GLY A 54 -17.13 -13.85 14.23
N TYR A 55 -18.41 -13.52 14.08
CA TYR A 55 -18.82 -12.25 13.48
C TYR A 55 -19.95 -11.62 14.29
N PRO A 56 -20.23 -10.31 14.05
CA PRO A 56 -21.26 -9.61 14.83
C PRO A 56 -22.58 -10.38 14.85
N GLY A 57 -23.09 -10.61 16.06
CA GLY A 57 -24.34 -11.36 16.27
C GLY A 57 -24.20 -12.86 16.07
N ARG A 58 -22.99 -13.30 15.71
CA ARG A 58 -22.70 -14.71 15.45
C ARG A 58 -21.33 -15.03 16.03
N ARG A 59 -21.13 -14.68 17.30
CA ARG A 59 -19.88 -14.90 18.00
C ARG A 59 -19.90 -16.21 18.77
N TYR A 60 -18.71 -16.74 19.03
CA TYR A 60 -18.58 -17.94 19.84
C TYR A 60 -18.75 -17.62 21.32
N TYR A 61 -18.25 -16.47 21.75
CA TYR A 61 -18.32 -16.05 23.15
C TYR A 61 -19.40 -15.00 23.40
N GLY A 62 -19.91 -14.99 24.63
CA GLY A 62 -20.84 -13.95 25.05
C GLY A 62 -20.11 -12.63 25.29
N GLY A 63 -20.86 -11.60 25.65
CA GLY A 63 -20.30 -10.30 26.00
C GLY A 63 -19.79 -9.47 24.83
N CYS A 64 -20.13 -9.87 23.61
CA CYS A 64 -19.63 -9.17 22.42
C CYS A 64 -20.55 -8.06 21.90
N GLU A 65 -21.58 -7.70 22.66
CA GLU A 65 -22.58 -6.71 22.19
C GLU A 65 -21.96 -5.41 21.72
N TYR A 66 -20.92 -4.95 22.40
CA TYR A 66 -20.32 -3.65 22.12
C TYR A 66 -19.22 -3.70 21.07
N VAL A 67 -18.38 -4.73 21.11
CA VAL A 67 -17.41 -4.92 20.03
C VAL A 67 -18.11 -5.23 18.71
N ASP A 68 -19.31 -5.81 18.79
CA ASP A 68 -20.16 -6.03 17.61
C ASP A 68 -20.52 -4.71 16.94
N ILE A 69 -20.92 -3.74 17.76
CA ILE A 69 -21.23 -2.39 17.28
C ILE A 69 -20.01 -1.80 16.54
N VAL A 70 -18.84 -1.95 17.16
CA VAL A 70 -17.59 -1.46 16.59
C VAL A 70 -17.27 -2.11 15.22
N GLU A 71 -17.35 -3.44 15.16
CA GLU A 71 -17.08 -4.15 13.91
C GLU A 71 -18.10 -3.79 12.81
N GLU A 72 -19.36 -3.66 13.19
CA GLU A 72 -20.40 -3.28 12.23
C GLU A 72 -20.19 -1.86 11.70
N LEU A 73 -19.77 -0.95 12.58
CA LEU A 73 -19.42 0.41 12.15
C LEU A 73 -18.30 0.35 11.12
N ALA A 74 -17.29 -0.48 11.38
CA ALA A 74 -16.19 -0.65 10.42
C ALA A 74 -16.70 -1.19 9.08
N ARG A 75 -17.51 -2.25 9.13
CA ARG A 75 -18.01 -2.89 7.90
C ARG A 75 -18.93 -1.96 7.10
N GLU A 76 -19.86 -1.31 7.78
CA GLU A 76 -20.81 -0.43 7.11
C GLU A 76 -20.14 0.81 6.49
N ARG A 77 -19.19 1.39 7.22
CA ARG A 77 -18.43 2.54 6.72
C ARG A 77 -17.56 2.14 5.53
N ALA A 78 -16.96 0.94 5.59
CA ALA A 78 -16.16 0.43 4.48
C ALA A 78 -17.02 0.25 3.23
N LYS A 79 -18.24 -0.26 3.44
CA LYS A 79 -19.17 -0.50 2.34
C LYS A 79 -19.63 0.81 1.69
N GLN A 80 -19.92 1.81 2.51
CA GLN A 80 -20.28 3.13 2.00
C GLN A 80 -19.09 3.78 1.28
N LEU A 81 -17.89 3.61 1.86
CA LEU A 81 -16.69 4.21 1.30
C LEU A 81 -16.34 3.66 -0.08
N PHE A 82 -16.51 2.35 -0.27
CA PHE A 82 -16.07 1.68 -1.49
C PHE A 82 -17.21 1.13 -2.37
N GLY A 83 -18.45 1.32 -1.91
CA GLY A 83 -19.63 0.84 -2.61
C GLY A 83 -19.64 -0.67 -2.77
N ALA A 84 -19.11 -1.37 -1.76
CA ALA A 84 -19.04 -2.83 -1.77
C ALA A 84 -20.24 -3.44 -1.07
N GLU A 85 -20.59 -4.65 -1.46
CA GLU A 85 -21.76 -5.33 -0.91
C GLU A 85 -21.44 -6.03 0.42
N HIS A 86 -20.16 -6.40 0.57
CA HIS A 86 -19.69 -7.03 1.80
C HIS A 86 -18.28 -6.59 2.15
N ALA A 87 -18.02 -6.47 3.45
CA ALA A 87 -16.69 -6.18 3.96
C ALA A 87 -16.33 -7.18 5.05
N ASN A 88 -15.08 -7.61 5.04
CA ASN A 88 -14.52 -8.34 6.17
C ASN A 88 -13.37 -7.50 6.69
N VAL A 89 -13.51 -7.03 7.93
CA VAL A 89 -12.56 -6.08 8.51
C VAL A 89 -11.61 -6.75 9.49
N GLN A 90 -11.66 -8.09 9.53
CA GLN A 90 -10.84 -8.86 10.47
C GLN A 90 -9.39 -9.19 10.06
N PRO A 91 -9.04 -9.10 8.75
CA PRO A 91 -7.68 -9.53 8.40
C PRO A 91 -6.61 -8.77 9.19
N HIS A 92 -5.65 -9.49 9.75
CA HIS A 92 -4.58 -8.89 10.57
C HIS A 92 -3.64 -7.97 9.78
N SER A 93 -3.65 -8.12 8.46
CA SER A 93 -2.70 -7.45 7.58
C SER A 93 -3.14 -7.58 6.12
N GLY A 94 -2.49 -6.83 5.23
CA GLY A 94 -2.70 -7.02 3.79
C GLY A 94 -2.34 -8.44 3.33
N ALA A 95 -1.26 -8.99 3.90
CA ALA A 95 -0.84 -10.37 3.60
C ALA A 95 -1.95 -11.38 3.94
N GLN A 96 -2.54 -11.22 5.13
CA GLN A 96 -3.61 -12.13 5.57
C GLN A 96 -4.91 -11.95 4.78
N ALA A 97 -5.19 -10.71 4.36
CA ALA A 97 -6.33 -10.48 3.46
C ALA A 97 -6.17 -11.32 2.18
N ASN A 98 -4.99 -11.24 1.57
CA ASN A 98 -4.69 -12.00 0.36
C ASN A 98 -4.73 -13.50 0.62
N MET A 99 -4.07 -13.92 1.69
CA MET A 99 -4.08 -15.31 2.12
C MET A 99 -5.49 -15.88 2.18
N ALA A 100 -6.41 -15.11 2.77
CA ALA A 100 -7.81 -15.54 2.93
C ALA A 100 -8.52 -15.71 1.58
N VAL A 101 -8.34 -14.75 0.67
CA VAL A 101 -8.94 -14.86 -0.67
C VAL A 101 -8.39 -16.07 -1.41
N TYR A 102 -7.07 -16.28 -1.33
CA TYR A 102 -6.46 -17.45 -1.96
C TYR A 102 -7.06 -18.73 -1.39
N PHE A 103 -7.22 -18.76 -0.07
CA PHE A 103 -7.78 -19.91 0.65
C PHE A 103 -9.23 -20.20 0.23
N THR A 104 -9.94 -19.15 -0.15
CA THR A 104 -11.37 -19.24 -0.51
C THR A 104 -11.58 -19.93 -1.86
N VAL A 105 -10.79 -19.54 -2.86
CA VAL A 105 -11.08 -19.96 -4.24
C VAL A 105 -10.08 -20.93 -4.84
N LEU A 106 -8.93 -21.09 -4.20
CA LEU A 106 -7.87 -21.93 -4.76
C LEU A 106 -7.63 -23.19 -3.95
N GLU A 107 -7.22 -24.23 -4.65
CA GLU A 107 -6.65 -25.41 -4.03
C GLU A 107 -5.15 -25.38 -4.21
N HIS A 108 -4.44 -26.13 -3.37
CA HIS A 108 -2.98 -26.24 -3.46
C HIS A 108 -2.57 -26.57 -4.89
N GLY A 109 -1.67 -25.77 -5.45
CA GLY A 109 -1.11 -26.04 -6.77
C GLY A 109 -1.86 -25.42 -7.94
N ASP A 110 -3.01 -24.80 -7.66
CA ASP A 110 -3.75 -24.06 -8.68
C ASP A 110 -2.91 -22.95 -9.28
N THR A 111 -3.13 -22.69 -10.56
CA THR A 111 -2.42 -21.63 -11.27
C THR A 111 -3.06 -20.26 -11.01
N VAL A 112 -2.22 -19.28 -10.69
CA VAL A 112 -2.66 -17.90 -10.50
C VAL A 112 -1.80 -17.01 -11.39
N LEU A 113 -2.42 -16.01 -11.98
CA LEU A 113 -1.72 -15.04 -12.82
C LEU A 113 -1.68 -13.69 -12.11
N GLY A 114 -0.47 -13.19 -11.87
CA GLY A 114 -0.29 -11.91 -11.19
C GLY A 114 0.74 -11.04 -11.90
N MET A 115 0.89 -9.81 -11.41
CA MET A 115 1.86 -8.89 -12.00
C MET A 115 3.28 -9.31 -11.66
N ASN A 116 4.14 -9.29 -12.68
CA ASN A 116 5.56 -9.58 -12.52
C ASN A 116 6.12 -8.81 -11.30
N LEU A 117 6.75 -9.54 -10.38
CA LEU A 117 7.21 -8.91 -9.14
C LEU A 117 8.26 -7.83 -9.38
N SER A 118 9.08 -8.00 -10.42
CA SER A 118 10.09 -7.01 -10.81
C SER A 118 9.51 -5.82 -11.55
N HIS A 119 8.22 -5.90 -11.91
CA HIS A 119 7.52 -4.84 -12.63
C HIS A 119 6.52 -4.09 -11.75
N GLY A 120 6.37 -4.52 -10.50
CA GLY A 120 5.47 -3.84 -9.57
C GLY A 120 4.58 -4.72 -8.72
N GLY A 121 4.50 -6.01 -9.05
CA GLY A 121 3.75 -6.99 -8.26
C GLY A 121 4.27 -7.08 -6.83
N HIS A 122 3.40 -7.50 -5.91
CA HIS A 122 3.77 -7.62 -4.49
C HIS A 122 4.31 -9.01 -4.14
N LEU A 123 5.12 -9.06 -3.09
CA LEU A 123 5.61 -10.32 -2.51
C LEU A 123 4.54 -11.41 -2.44
N THR A 124 3.34 -11.04 -2.01
CA THR A 124 2.23 -11.98 -1.82
C THR A 124 1.52 -12.33 -3.13
N HIS A 125 2.05 -11.84 -4.26
CA HIS A 125 1.52 -12.18 -5.58
C HIS A 125 2.43 -13.20 -6.28
N GLY A 126 2.97 -14.15 -5.51
CA GLY A 126 3.70 -15.26 -6.08
C GLY A 126 5.21 -15.37 -5.87
N SER A 127 5.77 -14.63 -4.91
CA SER A 127 7.19 -14.81 -4.62
C SER A 127 7.45 -16.27 -4.23
N PRO A 128 8.54 -16.87 -4.77
CA PRO A 128 8.87 -18.27 -4.43
C PRO A 128 9.32 -18.48 -2.98
N VAL A 129 9.56 -17.40 -2.25
CA VAL A 129 9.90 -17.48 -0.82
C VAL A 129 8.71 -17.03 0.05
N ASN A 130 7.58 -16.74 -0.59
CA ASN A 130 6.33 -16.39 0.10
C ASN A 130 5.35 -17.55 -0.01
N PHE A 131 4.39 -17.64 0.91
CA PHE A 131 3.43 -18.73 0.87
C PHE A 131 2.71 -18.80 -0.49
N SER A 132 2.49 -17.63 -1.11
CA SER A 132 1.75 -17.57 -2.37
C SER A 132 2.42 -18.37 -3.48
N GLY A 133 3.74 -18.20 -3.62
CA GLY A 133 4.50 -18.87 -4.67
C GLY A 133 4.83 -20.32 -4.35
N VAL A 134 4.77 -20.65 -3.06
CA VAL A 134 5.01 -22.01 -2.57
C VAL A 134 3.74 -22.87 -2.66
N GLN A 135 2.60 -22.26 -2.32
CA GLN A 135 1.32 -22.95 -2.24
C GLN A 135 0.59 -23.04 -3.58
N TYR A 136 0.82 -22.04 -4.43
CA TYR A 136 0.14 -21.95 -5.72
C TYR A 136 1.14 -21.76 -6.86
N ASN A 137 0.71 -22.09 -8.06
CA ASN A 137 1.54 -21.98 -9.24
C ASN A 137 1.37 -20.62 -9.92
N PHE A 138 2.22 -19.66 -9.54
CA PHE A 138 2.09 -18.31 -10.08
C PHE A 138 2.80 -18.14 -11.41
N VAL A 139 2.09 -17.53 -12.34
CA VAL A 139 2.65 -17.03 -13.59
C VAL A 139 2.46 -15.52 -13.64
N ALA A 140 3.22 -14.84 -14.50
CA ALA A 140 3.30 -13.38 -14.45
C ALA A 140 3.03 -12.70 -15.78
N TYR A 141 2.37 -11.54 -15.71
CA TYR A 141 2.28 -10.63 -16.85
C TYR A 141 3.16 -9.41 -16.61
N GLY A 142 3.57 -8.75 -17.69
CA GLY A 142 4.52 -7.66 -17.59
C GLY A 142 4.01 -6.32 -18.12
N VAL A 143 4.82 -5.30 -17.89
CA VAL A 143 4.60 -3.99 -18.49
C VAL A 143 5.40 -3.91 -19.79
N ASP A 144 4.98 -3.01 -20.68
CA ASP A 144 5.72 -2.74 -21.90
C ASP A 144 7.14 -2.23 -21.58
N PRO A 145 8.15 -2.70 -22.33
CA PRO A 145 9.55 -2.30 -22.04
C PRO A 145 9.86 -0.82 -22.24
N GLU A 146 9.01 -0.12 -22.99
CA GLU A 146 9.22 1.29 -23.30
C GLU A 146 8.30 2.22 -22.52
N THR A 147 7.00 1.93 -22.55
CA THR A 147 6.02 2.78 -21.89
C THR A 147 5.89 2.48 -20.40
N HIS A 148 6.30 1.27 -20.00
CA HIS A 148 6.20 0.76 -18.62
C HIS A 148 4.76 0.67 -18.10
N VAL A 149 3.80 0.68 -19.04
CA VAL A 149 2.40 0.47 -18.72
C VAL A 149 2.12 -1.03 -18.88
N ILE A 150 1.27 -1.56 -18.01
CA ILE A 150 0.83 -2.95 -18.11
C ILE A 150 0.45 -3.25 -19.56
N ASP A 151 1.01 -4.35 -20.08
CA ASP A 151 0.67 -4.81 -21.41
C ASP A 151 -0.55 -5.74 -21.30
N TYR A 152 -1.73 -5.21 -21.62
CA TYR A 152 -2.97 -5.96 -21.45
C TYR A 152 -3.10 -7.13 -22.43
N ASP A 153 -2.41 -7.04 -23.56
CA ASP A 153 -2.30 -8.17 -24.46
C ASP A 153 -1.44 -9.28 -23.86
N ASP A 154 -0.46 -8.90 -23.05
CA ASP A 154 0.35 -9.90 -22.32
C ASP A 154 -0.47 -10.54 -21.20
N VAL A 155 -1.23 -9.74 -20.46
CA VAL A 155 -2.18 -10.28 -19.48
C VAL A 155 -3.08 -11.32 -20.14
N ARG A 156 -3.66 -10.94 -21.28
CA ARG A 156 -4.57 -11.82 -22.03
C ARG A 156 -3.90 -13.10 -22.51
N GLU A 157 -2.70 -12.97 -23.08
CA GLU A 157 -1.97 -14.12 -23.63
C GLU A 157 -1.59 -15.11 -22.53
N LYS A 158 -1.05 -14.59 -21.43
CA LYS A 158 -0.69 -15.40 -20.27
C LYS A 158 -1.91 -16.13 -19.70
N ALA A 159 -3.03 -15.40 -19.61
CA ALA A 159 -4.28 -15.98 -19.11
C ALA A 159 -4.77 -17.11 -20.01
N ARG A 160 -4.68 -16.91 -21.32
CA ARG A 160 -5.17 -17.89 -22.29
C ARG A 160 -4.27 -19.12 -22.36
N LEU A 161 -2.96 -18.90 -22.22
CA LEU A 161 -1.98 -19.98 -22.25
C LEU A 161 -2.02 -20.84 -20.99
N HIS A 162 -1.98 -20.17 -19.83
CA HIS A 162 -1.81 -20.86 -18.54
C HIS A 162 -3.12 -21.25 -17.87
N ARG A 163 -4.22 -20.65 -18.31
CA ARG A 163 -5.56 -20.95 -17.77
C ARG A 163 -5.62 -20.84 -16.23
N PRO A 164 -5.31 -19.65 -15.69
CA PRO A 164 -5.30 -19.51 -14.24
C PRO A 164 -6.72 -19.60 -13.68
N LYS A 165 -6.83 -20.08 -12.45
CA LYS A 165 -8.10 -20.08 -11.72
C LYS A 165 -8.42 -18.68 -11.23
N LEU A 166 -7.36 -17.91 -10.96
CA LEU A 166 -7.43 -16.58 -10.38
C LEU A 166 -6.46 -15.66 -11.12
N ILE A 167 -6.91 -14.45 -11.42
CA ILE A 167 -6.04 -13.39 -11.89
C ILE A 167 -5.97 -12.31 -10.82
N VAL A 168 -4.74 -11.88 -10.50
CA VAL A 168 -4.53 -10.79 -9.54
C VAL A 168 -4.08 -9.54 -10.30
N ALA A 169 -4.78 -8.43 -10.03
CA ALA A 169 -4.36 -7.12 -10.50
C ALA A 169 -4.08 -6.26 -9.29
N ALA A 170 -3.17 -5.31 -9.46
CA ALA A 170 -2.72 -4.37 -8.44
C ALA A 170 -1.26 -4.57 -8.07
N ALA A 171 -0.68 -3.55 -7.43
CA ALA A 171 0.76 -3.44 -7.38
C ALA A 171 1.25 -2.64 -6.18
N SER A 172 2.50 -2.87 -5.81
CA SER A 172 3.16 -2.07 -4.78
C SER A 172 4.13 -1.03 -5.35
N ALA A 173 4.36 -1.05 -6.66
CA ALA A 173 5.27 -0.08 -7.29
C ALA A 173 4.90 0.26 -8.74
N TYR A 174 3.60 0.44 -8.99
CA TYR A 174 3.11 0.80 -10.33
C TYR A 174 2.51 2.20 -10.30
N PRO A 175 3.15 3.15 -11.01
CA PRO A 175 2.77 4.57 -10.95
C PRO A 175 1.60 5.01 -11.85
N ARG A 176 0.96 4.08 -12.54
CA ARG A 176 -0.15 4.46 -13.41
C ARG A 176 -1.48 3.83 -13.01
N ILE A 177 -2.58 4.39 -13.49
CA ILE A 177 -3.91 3.83 -13.26
C ILE A 177 -4.00 2.43 -13.87
N ILE A 178 -4.59 1.51 -13.12
CA ILE A 178 -4.83 0.14 -13.59
C ILE A 178 -6.24 0.04 -14.17
N ASP A 179 -6.36 -0.62 -15.32
CA ASP A 179 -7.63 -0.75 -16.01
C ASP A 179 -8.32 -2.04 -15.56
N PHE A 180 -9.15 -1.93 -14.52
CA PHE A 180 -9.82 -3.10 -13.95
C PHE A 180 -10.85 -3.72 -14.89
N ALA A 181 -11.45 -2.89 -15.75
CA ALA A 181 -12.40 -3.36 -16.75
C ALA A 181 -11.74 -4.36 -17.71
N LYS A 182 -10.54 -4.03 -18.18
CA LYS A 182 -9.79 -4.94 -19.06
C LYS A 182 -9.41 -6.22 -18.32
N PHE A 183 -8.96 -6.09 -17.08
CA PHE A 183 -8.68 -7.28 -16.26
C PHE A 183 -9.88 -8.20 -16.13
N ARG A 184 -11.06 -7.62 -15.88
CA ARG A 184 -12.28 -8.42 -15.77
C ARG A 184 -12.68 -9.07 -17.11
N GLU A 185 -12.53 -8.32 -18.21
CA GLU A 185 -12.79 -8.86 -19.55
C GLU A 185 -11.92 -10.11 -19.81
N ILE A 186 -10.63 -10.01 -19.48
CA ILE A 186 -9.72 -11.13 -19.66
C ILE A 186 -10.10 -12.29 -18.74
N ALA A 187 -10.41 -11.97 -17.47
CA ALA A 187 -10.85 -12.97 -16.50
C ALA A 187 -12.06 -13.74 -17.02
N ASP A 188 -13.04 -12.99 -17.54
CA ASP A 188 -14.25 -13.56 -18.13
C ASP A 188 -13.95 -14.49 -19.31
N GLU A 189 -12.99 -14.10 -20.14
CA GLU A 189 -12.64 -14.86 -21.33
C GLU A 189 -12.12 -16.26 -21.00
N VAL A 190 -11.38 -16.36 -19.89
CA VAL A 190 -10.73 -17.62 -19.49
C VAL A 190 -11.42 -18.31 -18.31
N GLY A 191 -12.52 -17.73 -17.84
CA GLY A 191 -13.27 -18.27 -16.70
C GLY A 191 -12.50 -18.25 -15.40
N ALA A 192 -11.74 -17.17 -15.18
CA ALA A 192 -10.99 -16.97 -13.95
C ALA A 192 -11.67 -15.95 -13.04
N TYR A 193 -11.51 -16.11 -11.72
CA TYR A 193 -11.87 -15.06 -10.78
C TYR A 193 -10.90 -13.89 -10.95
N LEU A 194 -11.38 -12.68 -10.67
CA LEU A 194 -10.50 -11.51 -10.58
C LEU A 194 -10.41 -11.01 -9.14
N MET A 195 -9.17 -10.95 -8.64
CA MET A 195 -8.88 -10.33 -7.35
C MET A 195 -8.08 -9.06 -7.61
N VAL A 196 -8.52 -7.95 -7.04
CA VAL A 196 -7.72 -6.73 -7.09
C VAL A 196 -7.16 -6.42 -5.70
N ASP A 197 -5.84 -6.31 -5.61
CA ASP A 197 -5.16 -5.92 -4.38
C ASP A 197 -4.87 -4.42 -4.45
N MET A 198 -5.75 -3.62 -3.87
CA MET A 198 -5.66 -2.16 -3.97
C MET A 198 -4.90 -1.48 -2.82
N ALA A 199 -4.13 -2.26 -2.06
CA ALA A 199 -3.50 -1.76 -0.83
C ALA A 199 -2.87 -0.38 -0.98
N HIS A 200 -2.03 -0.21 -2.00
CA HIS A 200 -1.33 1.06 -2.18
C HIS A 200 -2.25 2.23 -2.52
N ILE A 201 -3.31 1.95 -3.27
CA ILE A 201 -4.15 3.01 -3.85
C ILE A 201 -5.50 3.18 -3.16
N ALA A 202 -5.72 2.45 -2.07
CA ALA A 202 -7.05 2.42 -1.43
C ALA A 202 -7.60 3.81 -1.04
N GLY A 203 -6.72 4.68 -0.55
CA GLY A 203 -7.12 6.05 -0.19
C GLY A 203 -7.57 6.84 -1.40
N LEU A 204 -6.86 6.67 -2.50
CA LEU A 204 -7.19 7.34 -3.77
C LEU A 204 -8.51 6.81 -4.33
N VAL A 205 -8.72 5.50 -4.26
CA VAL A 205 -10.00 4.91 -4.65
C VAL A 205 -11.15 5.50 -3.81
N ALA A 206 -10.96 5.53 -2.50
CA ALA A 206 -11.97 6.10 -1.58
C ALA A 206 -12.32 7.56 -1.92
N ALA A 207 -11.34 8.31 -2.41
CA ALA A 207 -11.52 9.72 -2.73
C ALA A 207 -11.96 9.97 -4.18
N GLY A 208 -12.17 8.90 -4.94
CA GLY A 208 -12.60 8.99 -6.34
C GLY A 208 -11.51 9.47 -7.29
N LEU A 209 -10.26 9.24 -6.93
CA LEU A 209 -9.12 9.71 -7.72
C LEU A 209 -8.39 8.59 -8.45
N HIS A 210 -8.85 7.36 -8.23
CA HIS A 210 -8.44 6.20 -9.00
C HIS A 210 -9.71 5.40 -9.23
N PRO A 211 -9.88 4.81 -10.44
CA PRO A 211 -11.08 3.99 -10.68
C PRO A 211 -11.25 2.90 -9.62
N ASN A 212 -12.50 2.65 -9.24
CA ASN A 212 -12.82 1.67 -8.19
C ASN A 212 -12.85 0.24 -8.75
N PRO A 213 -12.05 -0.68 -8.15
CA PRO A 213 -12.07 -2.07 -8.61
C PRO A 213 -13.31 -2.86 -8.18
N VAL A 214 -14.02 -2.37 -7.16
CA VAL A 214 -15.18 -3.09 -6.58
C VAL A 214 -16.20 -3.62 -7.62
N PRO A 215 -16.63 -2.77 -8.58
CA PRO A 215 -17.60 -3.24 -9.58
C PRO A 215 -17.06 -4.29 -10.57
N TYR A 216 -15.74 -4.44 -10.64
CA TYR A 216 -15.10 -5.30 -11.63
C TYR A 216 -14.49 -6.57 -11.05
N ALA A 217 -14.11 -6.51 -9.77
CA ALA A 217 -13.44 -7.63 -9.12
C ALA A 217 -14.42 -8.47 -8.31
N HIS A 218 -14.20 -9.79 -8.31
CA HIS A 218 -14.92 -10.70 -7.42
C HIS A 218 -14.49 -10.43 -5.98
N PHE A 219 -13.20 -10.16 -5.80
CA PHE A 219 -12.63 -9.90 -4.49
C PHE A 219 -11.69 -8.73 -4.59
N VAL A 220 -11.79 -7.83 -3.62
CA VAL A 220 -10.84 -6.73 -3.47
C VAL A 220 -10.17 -6.85 -2.11
N THR A 221 -8.85 -6.88 -2.11
CA THR A 221 -8.09 -6.88 -0.87
C THR A 221 -7.38 -5.55 -0.69
N THR A 222 -7.07 -5.23 0.56
CA THR A 222 -6.36 -4.00 0.86
C THR A 222 -5.77 -4.00 2.24
N THR A 223 -4.76 -3.16 2.42
CA THR A 223 -4.31 -2.75 3.74
C THR A 223 -5.24 -1.61 4.19
N THR A 224 -5.39 -1.47 5.49
CA THR A 224 -6.12 -0.31 6.03
C THR A 224 -5.17 0.87 6.23
N HIS A 225 -3.88 0.57 6.37
CA HIS A 225 -2.82 1.58 6.34
C HIS A 225 -2.41 1.88 4.88
N LYS A 226 -1.46 2.79 4.71
CA LYS A 226 -0.98 3.30 3.40
C LYS A 226 -1.79 4.55 2.98
N THR A 227 -2.23 4.66 1.72
CA THR A 227 -2.95 5.87 1.30
C THR A 227 -4.29 6.08 2.03
N LEU A 228 -4.93 4.99 2.44
CA LEU A 228 -6.17 5.06 3.22
C LEU A 228 -5.96 5.66 4.62
N ARG A 229 -4.70 5.69 5.06
CA ARG A 229 -4.26 6.38 6.28
C ARG A 229 -4.89 5.80 7.56
N GLY A 230 -5.11 4.48 7.55
CA GLY A 230 -5.69 3.82 8.71
C GLY A 230 -4.64 3.10 9.54
N PRO A 231 -5.10 2.36 10.57
CA PRO A 231 -4.23 1.56 11.41
C PRO A 231 -3.64 0.41 10.60
N ARG A 232 -2.59 -0.21 11.10
CA ARG A 232 -1.97 -1.33 10.38
C ARG A 232 -2.90 -2.56 10.43
N GLY A 233 -3.30 -3.03 9.26
CA GLY A 233 -4.21 -4.17 9.18
C GLY A 233 -4.69 -4.41 7.76
N GLY A 234 -5.60 -5.36 7.61
CA GLY A 234 -6.14 -5.70 6.29
C GLY A 234 -7.65 -5.64 6.21
N MET A 235 -8.17 -5.82 5.00
CA MET A 235 -9.61 -5.85 4.74
C MET A 235 -9.88 -6.52 3.40
N ILE A 236 -11.02 -7.21 3.33
CA ILE A 236 -11.50 -7.79 2.09
C ILE A 236 -12.88 -7.22 1.76
N LEU A 237 -13.08 -6.86 0.50
CA LEU A 237 -14.39 -6.47 -0.01
C LEU A 237 -14.81 -7.45 -1.09
N CYS A 238 -16.11 -7.74 -1.15
CA CYS A 238 -16.64 -8.66 -2.16
C CYS A 238 -18.16 -8.53 -2.29
N GLN A 239 -18.74 -9.12 -3.33
CA GLN A 239 -20.19 -9.13 -3.47
C GLN A 239 -20.82 -10.13 -2.50
N GLU A 240 -22.09 -9.89 -2.19
CA GLU A 240 -22.85 -10.72 -1.24
C GLU A 240 -22.68 -12.22 -1.48
N GLN A 241 -22.59 -12.62 -2.74
CA GLN A 241 -22.48 -14.05 -3.11
C GLN A 241 -21.24 -14.78 -2.59
N PHE A 242 -20.19 -14.03 -2.27
CA PHE A 242 -18.96 -14.61 -1.73
C PHE A 242 -18.77 -14.34 -0.23
N ALA A 243 -19.69 -13.58 0.36
CA ALA A 243 -19.57 -13.11 1.75
C ALA A 243 -19.37 -14.24 2.75
N LYS A 244 -20.22 -15.27 2.67
CA LYS A 244 -20.14 -16.39 3.60
C LYS A 244 -18.80 -17.12 3.49
N GLN A 245 -18.37 -17.41 2.26
CA GLN A 245 -17.10 -18.10 2.03
C GLN A 245 -15.89 -17.27 2.48
N ILE A 246 -15.91 -15.97 2.19
CA ILE A 246 -14.83 -15.07 2.59
C ILE A 246 -14.72 -15.01 4.12
N ASP A 247 -15.86 -14.83 4.78
CA ASP A 247 -15.90 -14.79 6.23
C ASP A 247 -15.36 -16.09 6.83
N LYS A 248 -15.73 -17.22 6.25
CA LYS A 248 -15.27 -18.53 6.71
C LYS A 248 -13.77 -18.74 6.47
N ALA A 249 -13.27 -18.16 5.38
CA ALA A 249 -11.83 -18.19 5.07
C ALA A 249 -11.00 -17.47 6.13
N ILE A 250 -11.48 -16.29 6.56
CA ILE A 250 -10.78 -15.53 7.62
C ILE A 250 -10.89 -16.26 8.96
N PHE A 251 -12.11 -16.66 9.32
CA PHE A 251 -12.34 -17.45 10.53
C PHE A 251 -13.50 -18.41 10.31
N PRO A 252 -13.30 -19.71 10.60
CA PRO A 252 -12.12 -20.34 11.21
C PRO A 252 -10.99 -20.74 10.26
N GLY A 253 -10.97 -20.19 9.04
CA GLY A 253 -10.00 -20.64 8.04
C GLY A 253 -8.55 -20.34 8.36
N ILE A 254 -8.19 -19.06 8.41
CA ILE A 254 -6.78 -18.69 8.52
C ILE A 254 -6.36 -17.95 9.80
N GLN A 255 -7.32 -17.36 10.49
CA GLN A 255 -7.04 -16.61 11.71
C GLN A 255 -7.77 -17.19 12.92
N GLY A 256 -7.44 -16.68 14.11
CA GLY A 256 -8.19 -16.97 15.32
C GLY A 256 -8.98 -15.74 15.73
N GLY A 257 -8.72 -15.28 16.95
CA GLY A 257 -9.36 -14.08 17.47
C GLY A 257 -8.97 -12.84 16.67
N PRO A 258 -9.94 -12.00 16.32
CA PRO A 258 -9.60 -10.74 15.66
C PRO A 258 -9.04 -9.70 16.65
N LEU A 259 -8.39 -8.67 16.12
CA LEU A 259 -7.88 -7.59 16.95
C LEU A 259 -8.94 -6.49 17.04
N MET A 260 -9.80 -6.59 18.04
CA MET A 260 -10.97 -5.70 18.12
C MET A 260 -10.61 -4.22 18.27
N HIS A 261 -9.55 -3.94 19.01
CA HIS A 261 -9.02 -2.58 19.16
C HIS A 261 -8.53 -2.00 17.83
N VAL A 262 -7.90 -2.84 17.00
CA VAL A 262 -7.46 -2.40 15.67
C VAL A 262 -8.68 -2.19 14.76
N ILE A 263 -9.66 -3.07 14.89
CA ILE A 263 -10.92 -2.93 14.15
C ILE A 263 -11.64 -1.61 14.53
N ALA A 264 -11.62 -1.24 15.82
CA ALA A 264 -12.10 0.07 16.24
C ALA A 264 -11.36 1.18 15.51
N ALA A 265 -10.03 1.06 15.45
CA ALA A 265 -9.19 2.01 14.74
C ALA A 265 -9.51 2.05 13.24
N LYS A 266 -9.83 0.89 12.66
CA LYS A 266 -10.27 0.83 11.27
C LYS A 266 -11.56 1.64 11.05
N ALA A 267 -12.54 1.45 11.94
CA ALA A 267 -13.79 2.22 11.89
C ALA A 267 -13.48 3.72 11.90
N VAL A 268 -12.60 4.14 12.81
CA VAL A 268 -12.22 5.55 12.93
C VAL A 268 -11.65 6.07 11.61
N ALA A 269 -10.69 5.32 11.06
CA ALA A 269 -10.06 5.67 9.79
C ALA A 269 -11.05 5.78 8.63
N PHE A 270 -12.00 4.83 8.57
CA PHE A 270 -13.03 4.86 7.53
C PHE A 270 -13.93 6.07 7.71
N GLY A 271 -14.28 6.38 8.96
CA GLY A 271 -15.02 7.61 9.30
C GLY A 271 -14.31 8.85 8.77
N GLU A 272 -12.99 8.90 8.97
CA GLU A 272 -12.17 10.00 8.49
C GLU A 272 -12.21 10.11 6.96
N ALA A 273 -12.12 8.95 6.29
CA ALA A 273 -12.06 8.88 4.82
C ALA A 273 -13.38 9.27 4.16
N LEU A 274 -14.47 9.14 4.91
CA LEU A 274 -15.79 9.52 4.44
C LEU A 274 -16.00 11.03 4.42
N GLN A 275 -15.14 11.76 5.13
CA GLN A 275 -15.25 13.21 5.24
C GLN A 275 -14.73 13.93 4.00
N ASP A 276 -15.27 15.12 3.74
CA ASP A 276 -14.82 15.95 2.62
C ASP A 276 -13.33 16.27 2.69
N ASP A 277 -12.81 16.54 3.89
CA ASP A 277 -11.40 16.91 4.00
C ASP A 277 -10.43 15.81 3.59
N PHE A 278 -10.85 14.54 3.74
CA PHE A 278 -10.02 13.45 3.24
C PHE A 278 -9.93 13.47 1.71
N LYS A 279 -11.05 13.78 1.05
CA LYS A 279 -11.05 13.92 -0.42
C LYS A 279 -10.07 15.00 -0.87
N ALA A 280 -10.07 16.12 -0.15
CA ALA A 280 -9.13 17.21 -0.42
C ALA A 280 -7.68 16.77 -0.19
N TYR A 281 -7.46 16.04 0.91
CA TYR A 281 -6.15 15.45 1.22
C TYR A 281 -5.66 14.56 0.07
N ALA A 282 -6.50 13.61 -0.33
CA ALA A 282 -6.14 12.66 -1.39
C ALA A 282 -5.81 13.36 -2.72
N LYS A 283 -6.55 14.43 -3.03
CA LYS A 283 -6.24 15.21 -4.23
C LYS A 283 -4.87 15.87 -4.13
N ARG A 284 -4.55 16.38 -2.94
CA ARG A 284 -3.24 16.97 -2.72
C ARG A 284 -2.14 15.89 -2.83
N VAL A 285 -2.43 14.67 -2.39
CA VAL A 285 -1.48 13.55 -2.56
C VAL A 285 -1.11 13.37 -4.03
N VAL A 286 -2.14 13.24 -4.88
CA VAL A 286 -1.96 13.05 -6.31
C VAL A 286 -1.33 14.29 -6.99
N ASP A 287 -1.85 15.47 -6.67
CA ASP A 287 -1.28 16.72 -7.17
C ASP A 287 0.21 16.85 -6.81
N ASN A 288 0.54 16.55 -5.56
CA ASN A 288 1.92 16.60 -5.08
C ASN A 288 2.81 15.60 -5.80
N ALA A 289 2.28 14.40 -6.06
CA ALA A 289 3.03 13.38 -6.79
C ALA A 289 3.35 13.85 -8.22
N LYS A 290 2.37 14.42 -8.91
CA LYS A 290 2.59 14.96 -10.27
C LYS A 290 3.63 16.07 -10.24
N ARG A 291 3.49 16.98 -9.28
CA ARG A 291 4.41 18.10 -9.12
C ARG A 291 5.83 17.62 -8.84
N LEU A 292 5.95 16.67 -7.92
CA LEU A 292 7.24 16.08 -7.60
C LEU A 292 7.86 15.38 -8.82
N ALA A 293 7.05 14.61 -9.53
CA ALA A 293 7.47 13.95 -10.76
C ALA A 293 8.03 14.96 -11.78
N SER A 294 7.24 16.01 -12.04
CA SER A 294 7.63 17.08 -12.96
C SER A 294 8.91 17.78 -12.52
N ALA A 295 9.01 18.08 -11.22
CA ALA A 295 10.18 18.75 -10.67
C ALA A 295 11.43 17.86 -10.73
N LEU A 296 11.26 16.56 -10.54
CA LEU A 296 12.35 15.60 -10.68
C LEU A 296 12.84 15.50 -12.11
N GLN A 297 11.90 15.52 -13.06
CA GLN A 297 12.24 15.52 -14.49
C GLN A 297 12.99 16.81 -14.85
N ASN A 298 12.57 17.92 -14.25
CA ASN A 298 13.27 19.19 -14.38
C ASN A 298 14.74 19.11 -13.91
N GLU A 299 14.98 18.30 -12.88
CA GLU A 299 16.34 18.07 -12.37
C GLU A 299 17.17 17.16 -13.30
N GLY A 300 16.50 16.54 -14.26
CA GLY A 300 17.14 15.64 -15.21
C GLY A 300 16.96 14.17 -14.92
N PHE A 301 16.08 13.83 -13.99
CA PHE A 301 15.81 12.42 -13.69
C PHE A 301 14.83 11.79 -14.67
N THR A 302 15.05 10.50 -14.95
CA THR A 302 14.15 9.68 -15.75
C THR A 302 13.21 8.94 -14.80
N LEU A 303 11.92 9.01 -15.09
CA LEU A 303 10.91 8.31 -14.30
C LEU A 303 10.31 7.15 -15.06
N VAL A 304 10.13 6.03 -14.37
CA VAL A 304 9.47 4.85 -14.93
C VAL A 304 8.07 5.24 -15.39
N SER A 305 7.71 4.85 -16.61
CA SER A 305 6.44 5.22 -17.27
C SER A 305 6.32 6.72 -17.62
N GLY A 306 7.38 7.48 -17.35
CA GLY A 306 7.42 8.91 -17.69
C GLY A 306 6.64 9.85 -16.77
N GLY A 307 6.26 9.35 -15.60
CA GLY A 307 5.49 10.15 -14.64
C GLY A 307 4.62 9.29 -13.74
N THR A 308 3.48 9.83 -13.33
CA THR A 308 2.59 9.16 -12.40
C THR A 308 1.13 9.59 -12.54
N ASP A 309 0.22 8.65 -12.28
CA ASP A 309 -1.22 8.91 -12.19
C ASP A 309 -1.69 8.86 -10.74
N ASN A 310 -0.80 8.47 -9.83
CA ASN A 310 -1.21 8.22 -8.45
C ASN A 310 -0.31 8.90 -7.41
N HIS A 311 -0.11 8.23 -6.28
CA HIS A 311 0.68 8.77 -5.17
C HIS A 311 2.17 8.47 -5.30
N LEU A 312 2.54 7.62 -6.25
CA LEU A 312 3.92 7.14 -6.26
C LEU A 312 4.62 7.26 -7.61
N LEU A 313 5.94 7.33 -7.54
CA LEU A 313 6.77 7.40 -8.74
C LEU A 313 8.01 6.55 -8.52
N LEU A 314 8.64 6.17 -9.63
CA LEU A 314 9.87 5.40 -9.60
C LEU A 314 10.90 6.12 -10.43
N VAL A 315 12.05 6.43 -9.82
CA VAL A 315 13.16 7.03 -10.54
C VAL A 315 14.05 5.92 -11.10
N ASP A 316 14.25 5.93 -12.41
CA ASP A 316 15.21 5.06 -13.08
C ASP A 316 16.57 5.78 -13.05
N LEU A 317 17.49 5.26 -12.23
CA LEU A 317 18.75 5.94 -11.94
C LEU A 317 19.89 5.60 -12.90
N ARG A 318 19.61 4.79 -13.93
CA ARG A 318 20.65 4.38 -14.88
C ARG A 318 21.36 5.56 -15.60
N PRO A 319 20.61 6.60 -16.03
CA PRO A 319 21.27 7.78 -16.63
C PRO A 319 22.31 8.46 -15.73
N GLN A 320 22.13 8.36 -14.41
CA GLN A 320 23.08 8.93 -13.44
C GLN A 320 24.15 7.93 -13.03
N GLN A 321 24.08 6.72 -13.60
CA GLN A 321 25.03 5.66 -13.29
C GLN A 321 25.03 5.33 -11.80
N LEU A 322 23.83 5.36 -11.20
CA LEU A 322 23.65 5.04 -9.79
C LEU A 322 22.73 3.84 -9.63
N THR A 323 22.99 3.05 -8.59
CA THR A 323 22.08 1.99 -8.19
C THR A 323 21.07 2.55 -7.19
N GLY A 324 19.95 1.86 -7.04
CA GLY A 324 18.94 2.23 -6.04
C GLY A 324 19.52 2.19 -4.64
N LYS A 325 20.36 1.20 -4.38
CA LYS A 325 20.99 1.00 -3.08
C LYS A 325 21.87 2.20 -2.71
N THR A 326 22.66 2.66 -3.66
CA THR A 326 23.53 3.82 -3.46
C THR A 326 22.70 5.06 -3.15
N ALA A 327 21.65 5.28 -3.95
CA ALA A 327 20.79 6.45 -3.79
C ALA A 327 20.07 6.45 -2.44
N GLU A 328 19.52 5.29 -2.09
CA GLU A 328 18.86 5.08 -0.81
C GLU A 328 19.78 5.44 0.37
N LYS A 329 21.02 4.96 0.30
CA LYS A 329 22.02 5.17 1.35
C LYS A 329 22.38 6.65 1.52
N VAL A 330 22.68 7.33 0.42
CA VAL A 330 23.09 8.73 0.51
C VAL A 330 21.93 9.66 0.92
N LEU A 331 20.73 9.38 0.43
CA LEU A 331 19.55 10.14 0.86
C LEU A 331 19.28 9.94 2.35
N ASP A 332 19.50 8.73 2.85
CA ASP A 332 19.44 8.47 4.30
C ASP A 332 20.38 9.38 5.09
N GLU A 333 21.56 9.66 4.53
CA GLU A 333 22.55 10.53 5.19
C GLU A 333 22.09 11.97 5.38
N VAL A 334 21.10 12.40 4.59
CA VAL A 334 20.62 13.78 4.64
C VAL A 334 19.22 13.92 5.24
N GLY A 335 18.60 12.79 5.59
CA GLY A 335 17.31 12.82 6.27
C GLY A 335 16.09 12.62 5.37
N ILE A 336 16.34 12.16 4.14
CA ILE A 336 15.26 11.80 3.20
C ILE A 336 15.15 10.28 3.12
N THR A 337 13.97 9.79 3.43
CA THR A 337 13.70 8.35 3.50
C THR A 337 13.03 7.87 2.21
N VAL A 338 13.76 7.08 1.44
CA VAL A 338 13.22 6.40 0.27
C VAL A 338 13.56 4.91 0.37
N ASN A 339 13.05 4.09 -0.54
CA ASN A 339 13.58 2.74 -0.67
C ASN A 339 14.03 2.44 -2.09
N LYS A 340 15.17 1.74 -2.19
CA LYS A 340 15.59 1.17 -3.45
C LYS A 340 14.46 0.29 -3.95
N ASN A 341 14.30 0.23 -5.26
CA ASN A 341 13.21 -0.52 -5.86
C ASN A 341 13.60 -0.96 -7.25
N THR A 342 13.37 -2.24 -7.53
CA THR A 342 13.56 -2.77 -8.86
CA THR A 342 13.56 -2.78 -8.85
C THR A 342 12.68 -1.98 -9.83
N ILE A 343 13.22 -1.69 -11.01
CA ILE A 343 12.44 -1.05 -12.07
C ILE A 343 12.09 -2.15 -13.08
N PRO A 344 11.08 -1.93 -13.95
CA PRO A 344 10.86 -2.95 -15.00
C PRO A 344 12.12 -3.22 -15.84
N TYR A 345 12.42 -4.50 -16.06
CA TYR A 345 13.59 -4.94 -16.87
C TYR A 345 14.92 -4.49 -16.26
N ASP A 346 14.95 -4.41 -14.94
CA ASP A 346 16.13 -3.98 -14.20
C ASP A 346 17.30 -4.94 -14.46
N PRO A 347 18.47 -4.42 -14.89
CA PRO A 347 19.65 -5.26 -15.06
C PRO A 347 20.29 -5.65 -13.72
N GLU A 348 19.85 -5.02 -12.62
CA GLU A 348 20.38 -5.29 -11.29
C GLU A 348 19.50 -6.23 -10.49
N SER A 349 20.10 -6.90 -9.51
CA SER A 349 19.39 -7.75 -8.57
C SER A 349 18.45 -6.95 -7.66
N PRO A 350 17.47 -7.64 -7.02
CA PRO A 350 16.60 -6.99 -6.02
C PRO A 350 17.34 -6.39 -4.83
N GLY A 351 18.54 -6.93 -4.52
CA GLY A 351 19.37 -6.40 -3.44
C GLY A 351 20.08 -5.11 -3.77
N VAL A 352 20.16 -4.76 -5.06
CA VAL A 352 20.89 -3.57 -5.52
C VAL A 352 19.93 -2.58 -6.20
N THR A 353 19.27 -3.06 -7.26
CA THR A 353 18.25 -2.32 -8.04
C THR A 353 18.81 -1.14 -8.85
N SER A 354 18.02 -0.67 -9.83
CA SER A 354 18.37 0.53 -10.58
C SER A 354 17.43 1.71 -10.28
N GLY A 355 16.62 1.58 -9.24
CA GLY A 355 15.65 2.62 -8.96
C GLY A 355 15.43 2.97 -7.51
N ILE A 356 14.77 4.10 -7.28
CA ILE A 356 14.18 4.40 -5.98
C ILE A 356 12.70 4.68 -6.16
N ARG A 357 11.90 4.16 -5.22
CA ARG A 357 10.47 4.43 -5.19
C ARG A 357 10.19 5.56 -4.20
N ILE A 358 9.28 6.45 -4.60
CA ILE A 358 8.93 7.64 -3.84
C ILE A 358 7.40 7.80 -3.86
N GLY A 359 6.83 8.12 -2.71
CA GLY A 359 5.40 8.43 -2.63
C GLY A 359 5.15 9.68 -1.79
N THR A 360 4.02 10.34 -2.02
CA THR A 360 3.74 11.63 -1.37
C THR A 360 2.69 11.59 -0.26
N ALA A 361 2.11 10.42 0.03
CA ALA A 361 1.07 10.34 1.06
C ALA A 361 1.49 10.90 2.43
N ALA A 362 2.70 10.55 2.88
CA ALA A 362 3.16 10.94 4.20
C ALA A 362 3.44 12.43 4.31
N VAL A 363 4.21 12.97 3.36
CA VAL A 363 4.53 14.41 3.37
C VAL A 363 3.27 15.27 3.20
N THR A 364 2.30 14.78 2.41
CA THR A 364 1.02 15.48 2.24
C THR A 364 0.25 15.54 3.57
N THR A 365 0.24 14.44 4.30
CA THR A 365 -0.37 14.40 5.64
C THR A 365 0.25 15.45 6.57
N ARG A 366 1.56 15.65 6.46
CA ARG A 366 2.30 16.67 7.21
C ARG A 366 2.02 18.11 6.74
N GLY A 367 1.27 18.25 5.66
CA GLY A 367 0.89 19.57 5.16
C GLY A 367 1.76 20.13 4.04
N PHE A 368 2.67 19.31 3.52
CA PHE A 368 3.51 19.72 2.40
C PHE A 368 2.65 19.92 1.15
N GLY A 369 3.01 20.92 0.35
CA GLY A 369 2.32 21.25 -0.89
C GLY A 369 3.27 21.34 -2.07
N LEU A 370 2.84 22.03 -3.13
CA LEU A 370 3.59 22.06 -4.40
C LEU A 370 4.99 22.67 -4.28
N GLU A 371 5.10 23.76 -3.52
CA GLU A 371 6.38 24.41 -3.25
C GLU A 371 7.38 23.47 -2.59
N GLU A 372 6.88 22.67 -1.66
CA GLU A 372 7.70 21.70 -0.95
C GLU A 372 8.12 20.58 -1.88
N MET A 373 7.24 20.20 -2.80
CA MET A 373 7.60 19.21 -3.82
C MET A 373 8.77 19.69 -4.68
N ASP A 374 8.71 20.95 -5.11
CA ASP A 374 9.81 21.56 -5.87
C ASP A 374 11.13 21.50 -5.11
N GLU A 375 11.07 21.85 -3.82
CA GLU A 375 12.27 21.85 -2.98
C GLU A 375 12.80 20.43 -2.74
N ILE A 376 11.90 19.48 -2.46
CA ILE A 376 12.29 18.08 -2.32
C ILE A 376 13.04 17.57 -3.57
N ALA A 377 12.49 17.85 -4.74
CA ALA A 377 13.13 17.46 -6.01
C ALA A 377 14.51 18.10 -6.15
N ALA A 378 14.60 19.39 -5.80
CA ALA A 378 15.87 20.12 -5.87
C ALA A 378 16.91 19.53 -4.92
N ILE A 379 16.50 19.16 -3.71
CA ILE A 379 17.40 18.52 -2.76
C ILE A 379 17.88 17.16 -3.28
N ILE A 380 16.96 16.36 -3.81
CA ILE A 380 17.31 15.07 -4.38
C ILE A 380 18.30 15.22 -5.54
N GLY A 381 18.05 16.20 -6.42
CA GLY A 381 19.01 16.58 -7.46
C GLY A 381 20.39 16.93 -6.93
N LEU A 382 20.43 17.81 -5.92
CA LEU A 382 21.68 18.20 -5.26
C LEU A 382 22.45 17.00 -4.71
N VAL A 383 21.72 16.09 -4.07
CA VAL A 383 22.34 14.93 -3.43
C VAL A 383 22.87 13.93 -4.47
N LEU A 384 22.01 13.51 -5.39
CA LEU A 384 22.33 12.42 -6.30
C LEU A 384 23.32 12.81 -7.40
N LYS A 385 23.40 14.11 -7.67
CA LYS A 385 24.38 14.65 -8.63
C LYS A 385 25.73 14.96 -7.97
N ASN A 386 25.77 14.88 -6.64
CA ASN A 386 26.98 15.23 -5.88
C ASN A 386 27.23 14.28 -4.72
N VAL A 387 27.15 12.97 -5.02
CA VAL A 387 27.26 11.92 -4.00
C VAL A 387 28.64 11.94 -3.28
N GLY A 388 29.65 12.50 -3.95
CA GLY A 388 31.00 12.57 -3.39
C GLY A 388 31.37 13.85 -2.67
N SER A 389 30.40 14.76 -2.53
CA SER A 389 30.66 16.07 -1.91
C SER A 389 29.99 16.21 -0.55
N GLU A 390 30.77 16.16 0.51
CA GLU A 390 30.23 16.34 1.86
C GLU A 390 29.63 17.74 2.04
N GLN A 391 30.19 18.73 1.32
CA GLN A 391 29.63 20.09 1.24
C GLN A 391 28.17 20.05 0.82
N ALA A 392 27.91 19.40 -0.32
CA ALA A 392 26.57 19.28 -0.89
C ALA A 392 25.63 18.54 0.04
N LEU A 393 26.12 17.48 0.67
CA LEU A 393 25.30 16.67 1.57
C LEU A 393 24.90 17.45 2.83
N GLU A 394 25.81 18.28 3.33
CA GLU A 394 25.51 19.15 4.46
C GLU A 394 24.48 20.22 4.10
N GLU A 395 24.60 20.79 2.90
CA GLU A 395 23.59 21.73 2.40
C GLU A 395 22.22 21.05 2.30
N ALA A 396 22.20 19.84 1.75
CA ALA A 396 20.96 19.06 1.66
C ALA A 396 20.34 18.84 3.05
N ARG A 397 21.20 18.44 3.99
CA ARG A 397 20.83 18.23 5.39
C ARG A 397 20.12 19.46 5.96
N GLN A 398 20.72 20.63 5.74
CA GLN A 398 20.15 21.89 6.24
C GLN A 398 18.83 22.23 5.55
N ARG A 399 18.74 21.94 4.25
CA ARG A 399 17.50 22.18 3.50
C ARG A 399 16.36 21.25 3.92
N VAL A 400 16.71 20.01 4.24
CA VAL A 400 15.76 19.04 4.78
C VAL A 400 15.23 19.51 6.14
N ALA A 401 16.15 19.94 7.01
CA ALA A 401 15.80 20.49 8.32
C ALA A 401 14.88 21.70 8.20
N ALA A 402 15.14 22.56 7.22
CA ALA A 402 14.30 23.73 6.96
C ALA A 402 12.86 23.34 6.60
N LEU A 403 12.70 22.22 5.91
CA LEU A 403 11.38 21.72 5.52
C LEU A 403 10.58 21.13 6.70
N THR A 404 11.28 20.41 7.58
CA THR A 404 10.60 19.73 8.69
C THR A 404 10.56 20.60 9.93
N ASP A 405 11.33 21.69 9.90
CA ASP A 405 11.41 22.72 10.96
C ASP A 405 12.52 22.50 11.97
N1 PLP B . -0.36 -6.31 -1.16
C2 PLP B . -0.05 -5.03 -1.59
C2A PLP B . -0.36 -4.62 -3.00
C3 PLP B . 0.55 -4.12 -0.71
O3 PLP B . 0.81 -2.99 -1.12
C4 PLP B . 0.84 -4.49 0.62
C4A PLP B . 1.46 -3.48 1.54
C5 PLP B . 0.52 -5.81 1.03
C6 PLP B . -0.07 -6.71 0.13
C5A PLP B . 0.81 -6.36 2.40
O4P PLP B . 0.34 -5.73 3.58
P PLP B . 0.99 -6.11 5.02
O1P PLP B . 0.90 -7.59 5.12
O2P PLP B . 2.39 -5.61 4.94
O3P PLP B . 0.13 -5.34 5.92
C1 MPD C . -6.63 -7.19 -24.08
C2 MPD C . -8.09 -6.74 -24.15
O2 MPD C . -8.13 -5.36 -24.61
CM MPD C . -8.71 -6.78 -22.76
C3 MPD C . -8.90 -7.67 -25.06
C4 MPD C . -9.07 -7.23 -26.51
O4 MPD C . -9.42 -8.35 -27.30
C5 MPD C . -10.17 -6.19 -26.65
#